data_1PPO
#
_entry.id   1PPO
#
_cell.length_a   74.110
_cell.length_b   74.110
_cell.length_c   77.810
_cell.angle_alpha   90.00
_cell.angle_beta   90.00
_cell.angle_gamma   120.00
#
_symmetry.space_group_name_H-M   'P 31 1 2'
#
loop_
_entity.id
_entity.type
_entity.pdbx_description
1 polymer 'PROTEASE OMEGA'
2 non-polymer 'MERCURY (II) ION'
3 water water
#
_entity_poly.entity_id   1
_entity_poly.type   'polypeptide(L)'
_entity_poly.pdbx_seq_one_letter_code
;LPENVDWRKKGAVTPVRHQGSCGSCWAFSAVATVEGINKIRTGKLVELSEQELVDCERRSHGCKGGYPPYALEYVAKNGI
HLRSKYPYKAKQGTCRAKQVGGPIVKTSGVGRVQPNNEGNLLNAIAKQPVSVVVESKGRPFQLYKGGIFEGPCGTKVDHA
VTAVGYGKSGGKGYILIKNSWGTAWGEKGYIRIKRAPGNSPGVCGLYKSSYYPTKN
;
_entity_poly.pdbx_strand_id   A
#
loop_
_chem_comp.id
_chem_comp.type
_chem_comp.name
_chem_comp.formula
HG non-polymer 'MERCURY (II) ION' 'Hg 2'
#
# COMPACT_ATOMS: atom_id res chain seq x y z
N LEU A 1 1.13 -20.03 -9.70
CA LEU A 1 1.81 -18.68 -9.49
C LEU A 1 3.26 -18.95 -8.99
N PRO A 2 4.16 -17.97 -8.86
CA PRO A 2 5.42 -18.27 -8.17
C PRO A 2 5.14 -18.63 -6.72
N GLU A 3 6.01 -19.41 -6.06
CA GLU A 3 5.70 -19.74 -4.63
C GLU A 3 6.16 -18.65 -3.73
N ASN A 4 7.07 -17.84 -4.21
CA ASN A 4 7.48 -16.74 -3.27
C ASN A 4 7.66 -15.48 -4.10
N VAL A 5 7.17 -14.32 -3.80
CA VAL A 5 7.50 -13.08 -4.60
C VAL A 5 7.82 -11.99 -3.57
N ASP A 6 8.82 -11.21 -3.92
CA ASP A 6 9.30 -10.09 -3.21
C ASP A 6 9.67 -8.94 -4.13
N TRP A 7 8.75 -7.96 -4.21
CA TRP A 7 9.02 -6.81 -5.05
C TRP A 7 10.19 -6.04 -4.61
N ARG A 8 10.68 -6.19 -3.38
CA ARG A 8 11.83 -5.45 -2.88
C ARG A 8 13.09 -6.03 -3.59
N LYS A 9 13.01 -7.28 -3.87
CA LYS A 9 14.12 -8.02 -4.56
C LYS A 9 14.32 -7.53 -5.97
N LYS A 10 13.22 -7.04 -6.53
CA LYS A 10 12.99 -6.44 -7.80
C LYS A 10 13.35 -5.01 -7.96
N GLY A 11 13.70 -4.27 -6.92
CA GLY A 11 13.91 -2.84 -6.99
C GLY A 11 12.62 -2.03 -7.16
N ALA A 12 11.45 -2.58 -6.80
CA ALA A 12 10.12 -2.00 -7.03
C ALA A 12 9.59 -1.41 -5.74
N VAL A 13 10.33 -1.37 -4.63
CA VAL A 13 9.81 -0.88 -3.34
C VAL A 13 10.76 0.11 -2.76
N THR A 14 10.29 1.32 -2.52
CA THR A 14 11.00 2.43 -1.92
C THR A 14 11.18 2.25 -0.41
N PRO A 15 12.11 2.95 0.28
CA PRO A 15 12.21 2.86 1.77
C PRO A 15 10.91 3.03 2.51
N VAL A 16 10.83 2.37 3.67
CA VAL A 16 9.72 2.58 4.64
C VAL A 16 9.61 4.00 5.07
N ARG A 17 8.42 4.57 5.15
CA ARG A 17 8.26 5.94 5.51
C ARG A 17 7.40 5.83 6.79
N HIS A 18 7.17 6.97 7.33
CA HIS A 18 6.43 7.42 8.43
C HIS A 18 5.32 8.41 8.09
N GLN A 19 4.06 8.08 8.41
CA GLN A 19 3.01 9.04 8.32
C GLN A 19 3.05 10.28 9.12
N GLY A 20 3.77 10.24 10.22
CA GLY A 20 3.75 11.34 11.18
C GLY A 20 2.35 11.51 11.70
N SER A 21 2.07 12.80 11.94
CA SER A 21 0.81 13.14 12.57
C SER A 21 -0.41 13.28 11.70
N CYS A 22 -0.75 12.23 10.97
CA CYS A 22 -1.84 12.36 9.94
C CYS A 22 -2.23 10.90 9.64
N GLY A 23 -3.51 10.67 9.59
CA GLY A 23 -4.27 9.55 9.06
C GLY A 23 -4.19 9.40 7.52
N SER A 24 -2.99 9.28 6.96
CA SER A 24 -2.79 9.37 5.48
C SER A 24 -2.43 7.98 5.03
N CYS A 25 -2.55 6.88 5.79
CA CYS A 25 -2.23 5.53 5.31
C CYS A 25 -2.76 5.21 3.93
N TRP A 26 -3.99 5.65 3.63
CA TRP A 26 -4.67 5.47 2.29
C TRP A 26 -3.76 5.99 1.19
N ALA A 27 -3.19 7.16 1.44
CA ALA A 27 -2.34 7.88 0.48
C ALA A 27 -1.01 7.16 0.35
N PHE A 28 -0.39 6.70 1.42
CA PHE A 28 0.88 6.07 1.49
C PHE A 28 0.79 4.74 0.76
N SER A 29 -0.29 4.01 1.02
CA SER A 29 -0.52 2.72 0.31
C SER A 29 -0.72 2.98 -1.21
N ALA A 30 -1.58 3.91 -1.63
CA ALA A 30 -1.78 4.17 -3.07
C ALA A 30 -0.39 4.61 -3.63
N VAL A 31 0.38 5.52 -3.06
CA VAL A 31 1.71 5.87 -3.42
C VAL A 31 2.61 4.72 -3.68
N ALA A 32 2.84 3.80 -2.72
CA ALA A 32 3.66 2.58 -2.77
C ALA A 32 3.26 1.71 -3.96
N THR A 33 1.97 1.48 -4.23
CA THR A 33 1.61 0.63 -5.38
C THR A 33 2.04 1.28 -6.72
N VAL A 34 1.89 2.58 -6.86
CA VAL A 34 2.22 3.45 -7.94
C VAL A 34 3.72 3.60 -8.16
N GLU A 35 4.53 3.89 -7.19
CA GLU A 35 6.01 3.58 -7.24
C GLU A 35 6.30 2.19 -7.83
N GLY A 36 5.58 1.12 -7.44
CA GLY A 36 5.93 -0.24 -7.85
C GLY A 36 5.58 -0.46 -9.32
N ILE A 37 4.36 -0.18 -9.77
CA ILE A 37 4.02 -0.38 -11.20
C ILE A 37 4.79 0.54 -12.14
N ASN A 38 5.12 1.74 -11.80
CA ASN A 38 6.12 2.61 -12.24
C ASN A 38 7.47 2.06 -12.52
N LYS A 39 8.11 1.33 -11.67
CA LYS A 39 9.44 0.70 -11.72
C LYS A 39 9.34 -0.54 -12.55
N ILE A 40 8.20 -1.22 -12.44
CA ILE A 40 7.94 -2.40 -13.26
C ILE A 40 7.70 -2.08 -14.72
N ARG A 41 7.04 -1.01 -15.08
CA ARG A 41 6.76 -0.66 -16.48
C ARG A 41 7.93 0.12 -17.12
N THR A 42 8.50 1.11 -16.50
CA THR A 42 9.64 1.84 -16.84
C THR A 42 11.06 1.52 -16.45
N GLY A 43 11.28 0.68 -15.47
CA GLY A 43 12.61 0.49 -14.95
C GLY A 43 13.03 1.59 -14.02
N LYS A 44 12.21 2.56 -13.65
CA LYS A 44 12.96 3.59 -12.88
C LYS A 44 12.09 3.51 -11.58
N LEU A 45 12.85 3.35 -10.54
CA LEU A 45 12.21 3.57 -9.24
C LEU A 45 12.20 5.00 -8.88
N VAL A 46 11.01 5.58 -8.69
CA VAL A 46 11.00 6.92 -8.09
C VAL A 46 10.06 7.09 -6.93
N GLU A 47 10.30 8.12 -6.11
CA GLU A 47 9.36 8.24 -5.01
C GLU A 47 8.32 9.30 -5.34
N LEU A 48 7.09 9.00 -5.03
CA LEU A 48 6.02 9.94 -5.44
C LEU A 48 5.41 10.56 -4.20
N SER A 49 4.59 11.54 -4.31
CA SER A 49 4.09 12.38 -3.25
C SER A 49 2.77 11.79 -2.65
N GLU A 50 2.79 11.39 -1.38
CA GLU A 50 1.55 11.21 -0.53
C GLU A 50 0.84 12.54 -0.33
N GLN A 51 1.54 13.66 -0.24
CA GLN A 51 0.89 14.94 0.08
C GLN A 51 0.06 15.46 -1.02
N GLU A 52 0.42 15.17 -2.30
CA GLU A 52 -0.50 15.41 -3.40
C GLU A 52 -1.84 14.73 -3.16
N LEU A 53 -1.89 13.47 -2.87
CA LEU A 53 -3.25 12.80 -2.57
C LEU A 53 -3.87 13.38 -1.31
N VAL A 54 -3.19 13.68 -0.18
CA VAL A 54 -3.89 14.28 0.98
C VAL A 54 -4.52 15.59 0.60
N ASP A 55 -3.80 16.41 -0.15
CA ASP A 55 -4.34 17.77 -0.44
C ASP A 55 -5.34 17.78 -1.61
N CYS A 56 -5.25 16.94 -2.63
CA CYS A 56 -5.98 16.99 -3.86
C CYS A 56 -7.07 15.96 -4.12
N GLU A 57 -7.03 14.80 -3.48
CA GLU A 57 -7.94 13.67 -3.63
C GLU A 57 -9.16 13.99 -2.79
N ARG A 58 -10.19 14.58 -3.35
CA ARG A 58 -11.22 15.32 -2.59
C ARG A 58 -12.25 14.39 -2.01
N ARG A 59 -12.23 13.12 -2.39
CA ARG A 59 -13.20 12.17 -1.96
C ARG A 59 -12.69 11.57 -0.64
N SER A 60 -11.42 11.37 -0.44
CA SER A 60 -10.72 10.99 0.79
C SER A 60 -10.73 12.09 1.81
N HIS A 61 -10.30 11.92 3.05
CA HIS A 61 -10.51 12.99 3.99
C HIS A 61 -9.21 13.45 4.64
N GLY A 62 -8.21 13.61 3.78
CA GLY A 62 -7.02 14.29 4.27
C GLY A 62 -6.32 13.37 5.31
N CYS A 63 -6.20 14.00 6.47
CA CYS A 63 -5.49 13.41 7.59
C CYS A 63 -6.42 12.61 8.49
N LYS A 64 -7.70 12.57 8.17
CA LYS A 64 -8.74 11.78 8.78
C LYS A 64 -9.19 10.56 7.98
N GLY A 65 -8.36 9.99 7.18
CA GLY A 65 -8.55 8.77 6.39
C GLY A 65 -9.09 9.06 5.01
N GLY A 66 -9.24 7.93 4.29
CA GLY A 66 -9.24 8.05 2.88
C GLY A 66 -9.44 6.69 2.26
N TYR A 67 -9.48 6.68 0.93
CA TYR A 67 -9.84 5.39 0.37
C TYR A 67 -8.83 5.03 -0.67
N PRO A 68 -8.08 3.97 -0.54
CA PRO A 68 -7.12 3.65 -1.64
C PRO A 68 -7.69 3.64 -3.05
N PRO A 69 -8.87 3.13 -3.43
CA PRO A 69 -9.26 3.22 -4.86
C PRO A 69 -9.50 4.59 -5.45
N TYR A 70 -10.06 5.57 -4.71
CA TYR A 70 -10.13 6.97 -5.03
C TYR A 70 -8.82 7.64 -5.33
N ALA A 71 -7.81 7.46 -4.48
CA ALA A 71 -6.43 7.81 -4.70
C ALA A 71 -5.84 7.29 -5.99
N LEU A 72 -6.07 5.99 -6.18
CA LEU A 72 -5.68 5.31 -7.42
C LEU A 72 -6.44 5.88 -8.63
N GLU A 73 -7.72 6.28 -8.46
CA GLU A 73 -8.46 6.99 -9.50
C GLU A 73 -7.79 8.35 -9.75
N TYR A 74 -7.59 9.17 -8.74
CA TYR A 74 -6.79 10.32 -8.79
C TYR A 74 -5.56 10.19 -9.66
N VAL A 75 -4.64 9.27 -9.53
CA VAL A 75 -3.42 9.01 -10.29
C VAL A 75 -3.73 8.67 -11.76
N ALA A 76 -4.76 7.90 -12.04
CA ALA A 76 -5.25 7.53 -13.38
C ALA A 76 -5.79 8.74 -14.13
N LYS A 77 -6.40 9.70 -13.53
CA LYS A 77 -6.91 10.91 -14.14
C LYS A 77 -5.83 12.00 -14.17
N ASN A 78 -5.09 12.33 -13.15
CA ASN A 78 -4.30 13.49 -12.90
C ASN A 78 -2.82 13.14 -12.92
N GLY A 79 -2.36 11.92 -12.87
CA GLY A 79 -0.99 11.53 -12.51
C GLY A 79 -0.62 12.18 -11.18
N ILE A 80 0.56 12.13 -10.76
CA ILE A 80 1.06 12.36 -9.39
C ILE A 80 2.58 12.74 -9.45
N HIS A 81 2.96 13.72 -8.66
CA HIS A 81 4.22 14.43 -8.61
C HIS A 81 5.26 13.69 -7.80
N LEU A 82 6.52 13.86 -8.04
CA LEU A 82 7.68 13.58 -7.26
C LEU A 82 7.50 14.04 -5.79
N ARG A 83 7.87 13.05 -4.94
CA ARG A 83 7.85 13.33 -3.52
C ARG A 83 8.73 14.55 -3.25
N SER A 84 9.78 14.70 -4.09
CA SER A 84 10.63 15.88 -3.94
C SER A 84 10.04 17.13 -4.47
N LYS A 85 9.19 17.13 -5.48
CA LYS A 85 8.57 18.43 -5.90
C LYS A 85 7.35 18.74 -5.06
N TYR A 86 6.68 17.77 -4.42
CA TYR A 86 5.46 18.06 -3.61
C TYR A 86 5.66 17.28 -2.26
N PRO A 87 6.41 17.94 -1.36
CA PRO A 87 6.88 17.19 -0.20
C PRO A 87 5.77 17.04 0.85
N TYR A 88 6.02 16.00 1.70
CA TYR A 88 5.03 15.52 2.70
C TYR A 88 5.02 16.37 3.92
N LYS A 89 3.94 16.97 4.39
CA LYS A 89 3.89 17.78 5.56
C LYS A 89 3.09 17.20 6.71
N ALA A 90 2.38 16.11 6.48
CA ALA A 90 1.64 15.45 7.59
C ALA A 90 0.49 16.30 7.98
N LYS A 91 -0.01 17.18 7.14
CA LYS A 91 -1.35 17.78 7.31
C LYS A 91 -1.88 18.30 5.93
N GLN A 92 -3.19 18.39 6.07
CA GLN A 92 -3.99 18.63 4.90
C GLN A 92 -3.76 20.10 4.57
N GLY A 93 -3.40 20.32 3.34
CA GLY A 93 -3.25 21.68 2.80
C GLY A 93 -4.12 21.85 1.57
N THR A 94 -3.86 22.99 0.88
CA THR A 94 -4.59 23.17 -0.37
C THR A 94 -3.71 22.49 -1.42
N CYS A 95 -4.51 22.20 -2.45
CA CYS A 95 -3.89 21.32 -3.45
C CYS A 95 -2.97 22.13 -4.35
N ARG A 96 -1.73 21.73 -4.47
CA ARG A 96 -0.70 22.60 -5.08
C ARG A 96 -0.31 21.88 -6.36
N ALA A 97 -1.17 20.91 -6.78
CA ALA A 97 -0.74 19.96 -7.80
C ALA A 97 -0.38 20.71 -9.06
N LYS A 98 -1.16 21.77 -9.29
CA LYS A 98 -0.95 22.61 -10.44
C LYS A 98 0.38 23.33 -10.49
N GLN A 99 1.11 23.48 -9.42
CA GLN A 99 2.17 24.50 -9.27
C GLN A 99 3.54 23.87 -9.07
N VAL A 100 3.43 22.54 -9.12
CA VAL A 100 4.55 21.71 -8.73
C VAL A 100 5.25 21.27 -9.97
N GLY A 101 6.54 21.48 -10.06
CA GLY A 101 7.27 20.94 -11.20
C GLY A 101 7.55 19.46 -11.18
N GLY A 102 8.24 19.14 -12.26
CA GLY A 102 9.00 17.77 -12.23
C GLY A 102 7.97 17.09 -13.17
N PRO A 103 8.25 16.01 -13.74
CA PRO A 103 7.51 14.88 -14.27
C PRO A 103 6.35 14.42 -13.40
N ILE A 104 5.22 14.16 -14.00
CA ILE A 104 4.08 13.45 -13.47
C ILE A 104 4.18 11.99 -13.74
N VAL A 105 3.97 11.10 -12.79
CA VAL A 105 3.77 9.69 -13.08
C VAL A 105 2.29 9.46 -13.31
N LYS A 106 2.02 8.70 -14.35
CA LYS A 106 0.63 8.57 -14.85
C LYS A 106 0.25 7.12 -14.94
N THR A 107 -1.00 6.79 -14.59
CA THR A 107 -1.45 5.44 -14.84
C THR A 107 -2.76 5.62 -15.71
N SER A 108 -3.39 4.58 -16.09
CA SER A 108 -4.55 4.44 -16.97
C SER A 108 -5.76 3.92 -16.25
N GLY A 109 -5.66 3.28 -15.08
CA GLY A 109 -6.92 2.80 -14.48
C GLY A 109 -6.61 2.16 -13.14
N VAL A 110 -7.58 1.42 -12.64
CA VAL A 110 -7.44 0.82 -11.30
C VAL A 110 -7.99 -0.60 -11.43
N GLY A 111 -7.35 -1.62 -10.90
CA GLY A 111 -7.64 -3.04 -10.80
C GLY A 111 -8.23 -3.33 -9.42
N ARG A 112 -9.30 -4.05 -9.32
CA ARG A 112 -9.93 -4.40 -8.03
C ARG A 112 -9.68 -5.92 -7.97
N VAL A 113 -8.97 -6.36 -6.97
CA VAL A 113 -8.88 -7.80 -6.71
C VAL A 113 -10.21 -8.32 -6.33
N GLN A 114 -10.70 -9.41 -6.81
CA GLN A 114 -11.98 -9.98 -6.31
C GLN A 114 -11.77 -10.40 -4.86
N PRO A 115 -12.55 -9.85 -3.89
CA PRO A 115 -12.07 -9.90 -2.48
C PRO A 115 -12.36 -11.23 -1.82
N ASN A 116 -11.72 -11.50 -0.69
CA ASN A 116 -12.10 -12.63 0.16
C ASN A 116 -11.67 -13.95 -0.39
N ASN A 117 -10.53 -13.89 -1.06
CA ASN A 117 -10.07 -15.18 -1.70
C ASN A 117 -8.55 -15.02 -1.81
N GLU A 118 -7.88 -16.03 -1.22
CA GLU A 118 -6.41 -16.04 -1.28
C GLU A 118 -5.81 -15.95 -2.67
N GLY A 119 -6.30 -16.82 -3.62
CA GLY A 119 -5.44 -17.03 -4.82
C GLY A 119 -5.63 -15.80 -5.69
N ASN A 120 -6.85 -15.18 -5.60
CA ASN A 120 -7.07 -13.94 -6.39
C ASN A 120 -6.03 -12.85 -6.01
N LEU A 121 -5.83 -12.66 -4.71
CA LEU A 121 -4.87 -11.75 -4.09
C LEU A 121 -3.47 -12.10 -4.53
N LEU A 122 -3.11 -13.42 -4.57
CA LEU A 122 -1.65 -13.62 -4.81
C LEU A 122 -1.36 -13.45 -6.33
N ASN A 123 -2.35 -13.81 -7.12
CA ASN A 123 -2.29 -13.58 -8.62
C ASN A 123 -2.02 -12.14 -8.94
N ALA A 124 -2.58 -11.19 -8.17
CA ALA A 124 -2.30 -9.78 -8.27
C ALA A 124 -0.93 -9.39 -7.77
N ILE A 125 -0.56 -9.84 -6.55
CA ILE A 125 0.72 -9.66 -5.94
C ILE A 125 1.86 -10.23 -6.84
N ALA A 126 1.59 -11.37 -7.44
CA ALA A 126 2.60 -11.98 -8.31
C ALA A 126 2.86 -11.15 -9.53
N LYS A 127 1.98 -10.23 -9.89
CA LYS A 127 2.27 -9.17 -10.85
C LYS A 127 2.68 -7.83 -10.37
N GLN A 128 2.32 -7.27 -9.19
CA GLN A 128 2.85 -5.97 -8.80
C GLN A 128 2.39 -5.71 -7.29
N PRO A 129 2.96 -4.69 -6.63
CA PRO A 129 2.43 -4.27 -5.32
C PRO A 129 0.97 -3.92 -5.34
N VAL A 130 0.20 -4.38 -4.31
CA VAL A 130 -1.26 -4.25 -4.19
C VAL A 130 -1.54 -3.47 -2.88
N SER A 131 -2.45 -2.55 -2.93
CA SER A 131 -2.97 -1.83 -1.77
C SER A 131 -3.92 -2.80 -1.11
N VAL A 132 -3.81 -3.03 0.19
CA VAL A 132 -4.76 -3.94 0.89
C VAL A 132 -5.04 -3.18 2.22
N VAL A 133 -6.10 -3.66 2.81
CA VAL A 133 -6.55 -3.28 4.15
C VAL A 133 -6.40 -4.33 5.19
N VAL A 134 -6.26 -3.91 6.40
CA VAL A 134 -5.97 -4.73 7.57
C VAL A 134 -6.70 -4.06 8.75
N GLU A 135 -7.08 -4.81 9.76
CA GLU A 135 -7.53 -4.23 11.03
C GLU A 135 -6.25 -4.08 11.88
N SER A 136 -6.01 -2.85 12.18
CA SER A 136 -4.77 -2.43 12.84
C SER A 136 -5.09 -2.02 14.28
N LYS A 137 -6.36 -1.95 14.66
CA LYS A 137 -6.74 -1.33 15.94
C LYS A 137 -6.32 -2.16 17.13
N GLY A 138 -6.10 -3.46 16.94
CA GLY A 138 -5.68 -4.41 17.96
C GLY A 138 -4.31 -4.06 18.55
N ARG A 139 -4.12 -4.23 19.86
CA ARG A 139 -2.80 -4.05 20.52
C ARG A 139 -1.74 -4.91 19.85
N PRO A 140 -2.03 -6.22 19.56
CA PRO A 140 -0.98 -7.08 18.93
C PRO A 140 -0.35 -6.53 17.67
N PHE A 141 -1.15 -5.89 16.81
CA PHE A 141 -0.79 -5.18 15.59
C PHE A 141 -0.01 -3.90 15.88
N GLN A 142 -0.57 -3.05 16.79
CA GLN A 142 0.23 -1.87 17.11
C GLN A 142 1.54 -2.20 17.84
N LEU A 143 1.62 -3.32 18.58
CA LEU A 143 2.89 -3.57 19.29
C LEU A 143 3.74 -4.60 18.48
N TYR A 144 3.34 -5.09 17.37
CA TYR A 144 4.06 -6.04 16.47
C TYR A 144 5.43 -5.65 16.25
N LYS A 145 6.33 -6.60 16.61
CA LYS A 145 7.76 -6.33 16.48
C LYS A 145 8.43 -7.49 15.74
N GLY A 146 7.60 -8.46 15.29
CA GLY A 146 8.28 -9.28 14.21
C GLY A 146 7.60 -10.64 14.31
N GLY A 147 7.89 -11.56 13.43
CA GLY A 147 7.37 -12.87 13.22
C GLY A 147 6.19 -12.87 12.29
N ILE A 148 5.75 -14.05 11.91
CA ILE A 148 4.52 -14.27 11.23
C ILE A 148 3.29 -13.98 12.05
N PHE A 149 2.60 -12.89 11.61
CA PHE A 149 1.52 -12.33 12.41
C PHE A 149 0.22 -13.04 12.19
N GLU A 150 -0.34 -13.64 13.25
CA GLU A 150 -1.61 -14.43 13.13
C GLU A 150 -2.64 -13.81 14.03
N GLY A 151 -2.44 -12.62 14.56
CA GLY A 151 -3.48 -12.10 15.48
C GLY A 151 -3.00 -12.29 16.93
N PRO A 152 -4.02 -12.18 17.74
CA PRO A 152 -5.41 -11.97 17.41
C PRO A 152 -5.70 -10.59 16.83
N CYS A 153 -6.59 -10.65 15.88
CA CYS A 153 -7.28 -9.50 15.32
C CYS A 153 -8.61 -10.00 14.72
N GLY A 154 -9.47 -8.99 14.59
CA GLY A 154 -10.82 -9.04 13.96
C GLY A 154 -10.73 -8.70 12.48
N THR A 155 -11.84 -8.47 11.79
CA THR A 155 -11.80 -8.21 10.34
C THR A 155 -12.33 -6.77 10.18
N LYS A 156 -12.36 -5.94 11.22
CA LYS A 156 -12.88 -4.57 11.09
C LYS A 156 -11.75 -3.67 10.57
N VAL A 157 -11.51 -3.82 9.30
CA VAL A 157 -10.22 -3.25 8.75
C VAL A 157 -10.22 -1.78 8.88
N ASP A 158 -9.11 -1.03 9.07
CA ASP A 158 -9.15 0.39 9.48
C ASP A 158 -7.87 1.02 9.01
N HIS A 159 -7.11 0.27 8.16
CA HIS A 159 -5.72 0.71 7.89
C HIS A 159 -5.27 0.27 6.51
N ALA A 160 -4.70 1.14 5.66
CA ALA A 160 -4.40 0.63 4.28
C ALA A 160 -2.88 0.45 4.32
N VAL A 161 -2.44 -0.65 3.73
CA VAL A 161 -0.93 -0.84 3.70
C VAL A 161 -0.63 -1.48 2.34
N THR A 162 0.62 -1.85 2.05
CA THR A 162 0.86 -2.35 0.69
C THR A 162 1.41 -3.75 0.77
N ALA A 163 0.80 -4.76 0.20
CA ALA A 163 1.32 -6.10 -0.14
C ALA A 163 2.42 -6.01 -1.18
N VAL A 164 3.67 -6.28 -0.78
CA VAL A 164 4.85 -6.14 -1.71
C VAL A 164 5.48 -7.48 -2.01
N GLY A 165 4.82 -8.53 -1.47
CA GLY A 165 5.39 -9.88 -1.76
C GLY A 165 4.54 -10.88 -1.07
N TYR A 166 4.84 -12.14 -1.25
CA TYR A 166 4.17 -13.19 -0.48
C TYR A 166 5.14 -14.40 -0.43
N GLY A 167 4.99 -15.44 0.38
CA GLY A 167 5.91 -16.63 0.31
C GLY A 167 5.65 -17.50 1.51
N LYS A 168 6.54 -18.37 1.84
CA LYS A 168 6.32 -19.55 2.75
C LYS A 168 7.50 -19.57 3.68
N SER A 169 7.30 -19.65 5.02
CA SER A 169 8.54 -19.29 5.77
C SER A 169 8.48 -20.06 7.10
N GLY A 170 9.56 -20.71 7.50
CA GLY A 170 9.75 -22.12 7.81
C GLY A 170 8.41 -22.92 7.83
N GLY A 171 7.77 -23.04 6.68
CA GLY A 171 6.49 -23.55 6.29
C GLY A 171 5.21 -22.80 6.53
N LYS A 172 5.09 -21.52 6.91
CA LYS A 172 3.74 -20.85 6.94
C LYS A 172 3.66 -19.98 5.64
N GLY A 173 2.49 -19.91 5.07
CA GLY A 173 2.03 -18.91 4.11
C GLY A 173 1.92 -17.55 4.85
N TYR A 174 2.56 -16.56 4.21
CA TYR A 174 2.38 -15.18 4.58
C TYR A 174 2.30 -14.28 3.38
N ILE A 175 1.81 -13.11 3.67
CA ILE A 175 1.91 -11.93 2.80
C ILE A 175 2.85 -10.94 3.38
N LEU A 176 3.81 -10.39 2.75
CA LEU A 176 4.78 -9.37 3.08
C LEU A 176 4.19 -7.98 2.82
N ILE A 177 3.95 -7.25 3.87
CA ILE A 177 3.30 -5.94 3.96
C ILE A 177 4.29 -4.85 4.30
N LYS A 178 4.35 -3.80 3.47
CA LYS A 178 5.01 -2.51 3.74
C LYS A 178 4.03 -1.59 4.53
N ASN A 179 4.33 -1.36 5.79
CA ASN A 179 3.50 -0.44 6.60
C ASN A 179 4.05 0.94 6.47
N SER A 180 3.40 2.01 6.89
CA SER A 180 3.87 3.38 6.87
C SER A 180 4.00 4.03 8.29
N TRP A 181 4.59 3.21 9.17
CA TRP A 181 4.66 3.53 10.62
C TRP A 181 6.12 3.56 11.00
N GLY A 182 6.98 3.63 10.04
CA GLY A 182 8.41 3.74 10.29
C GLY A 182 9.03 2.37 10.46
N THR A 183 10.39 2.47 10.55
CA THR A 183 11.14 1.21 10.44
C THR A 183 11.37 0.65 11.87
N ALA A 184 10.97 1.41 12.91
CA ALA A 184 10.75 1.09 14.29
C ALA A 184 9.73 0.06 14.65
N TRP A 185 8.69 -0.06 13.85
CA TRP A 185 7.61 -1.00 13.94
C TRP A 185 7.89 -2.29 13.25
N GLY A 186 7.45 -3.47 13.69
CA GLY A 186 7.40 -4.69 12.92
C GLY A 186 8.79 -5.00 12.41
N GLU A 187 8.90 -5.67 11.28
CA GLU A 187 10.29 -6.04 10.83
C GLU A 187 10.88 -4.99 9.94
N LYS A 188 11.51 -4.06 10.63
CA LYS A 188 11.98 -2.80 10.11
C LYS A 188 10.95 -2.11 9.19
N GLY A 189 9.77 -2.01 9.67
CA GLY A 189 8.67 -1.35 9.01
C GLY A 189 7.86 -2.37 8.28
N TYR A 190 8.08 -3.63 8.12
CA TYR A 190 7.22 -4.59 7.37
C TYR A 190 6.56 -5.48 8.40
N ILE A 191 5.52 -6.14 8.08
CA ILE A 191 4.81 -7.22 8.64
C ILE A 191 4.58 -8.38 7.72
N ARG A 192 4.78 -9.61 8.14
CA ARG A 192 4.40 -10.82 7.51
C ARG A 192 3.15 -11.35 8.22
N ILE A 193 2.06 -11.18 7.50
CA ILE A 193 0.70 -11.64 7.87
C ILE A 193 0.43 -13.02 7.30
N LYS A 194 0.05 -13.94 8.21
CA LYS A 194 -0.42 -15.27 7.86
C LYS A 194 -1.43 -15.36 6.75
N ARG A 195 -1.30 -16.10 5.66
CA ARG A 195 -2.28 -16.26 4.61
C ARG A 195 -3.42 -17.19 5.09
N ALA A 196 -4.62 -16.80 5.38
CA ALA A 196 -5.74 -17.73 5.26
C ALA A 196 -5.92 -18.39 3.91
N PRO A 197 -6.38 -19.64 3.74
CA PRO A 197 -6.39 -20.18 2.32
C PRO A 197 -7.81 -20.10 1.78
N GLY A 198 -7.79 -20.03 0.46
CA GLY A 198 -8.97 -19.94 -0.37
C GLY A 198 -9.82 -18.78 0.06
N ASN A 199 -11.10 -19.12 0.28
CA ASN A 199 -12.01 -17.96 0.35
C ASN A 199 -12.17 -17.59 1.82
N SER A 200 -11.88 -16.39 2.22
CA SER A 200 -11.64 -16.00 3.63
C SER A 200 -11.68 -14.47 3.60
N PRO A 201 -12.06 -13.80 4.67
CA PRO A 201 -11.84 -12.32 4.71
C PRO A 201 -10.32 -12.07 4.81
N GLY A 202 -9.52 -13.11 5.16
CA GLY A 202 -8.09 -13.01 5.40
C GLY A 202 -7.85 -12.82 6.94
N VAL A 203 -6.65 -13.14 7.40
CA VAL A 203 -6.21 -12.73 8.74
C VAL A 203 -6.19 -11.23 8.88
N CYS A 204 -6.99 -10.79 9.86
CA CYS A 204 -7.16 -9.34 10.10
C CYS A 204 -7.93 -8.70 8.94
N GLY A 205 -8.82 -9.37 8.22
CA GLY A 205 -9.54 -8.89 7.02
C GLY A 205 -8.66 -8.50 5.85
N LEU A 206 -7.47 -9.05 5.79
CA LEU A 206 -6.42 -8.84 4.73
C LEU A 206 -6.93 -9.04 3.33
N TYR A 207 -7.99 -9.78 3.11
CA TYR A 207 -8.50 -10.03 1.77
C TYR A 207 -9.73 -9.14 1.43
N LYS A 208 -10.06 -8.25 2.36
CA LYS A 208 -11.44 -7.65 2.23
C LYS A 208 -11.37 -6.59 1.13
N SER A 209 -10.26 -5.98 0.79
CA SER A 209 -10.40 -4.78 -0.13
C SER A 209 -9.06 -4.39 -0.76
N SER A 210 -8.84 -4.88 -1.94
CA SER A 210 -7.51 -4.91 -2.64
C SER A 210 -7.62 -4.22 -3.98
N TYR A 211 -6.79 -3.24 -4.20
CA TYR A 211 -6.77 -2.39 -5.38
C TYR A 211 -5.30 -2.25 -5.83
N TYR A 212 -5.10 -2.04 -7.07
CA TYR A 212 -3.82 -1.63 -7.59
C TYR A 212 -4.00 -0.75 -8.79
N PRO A 213 -2.96 0.04 -9.07
CA PRO A 213 -2.97 0.87 -10.28
C PRO A 213 -2.65 0.06 -11.53
N THR A 214 -3.33 0.33 -12.64
CA THR A 214 -2.92 -0.32 -13.94
C THR A 214 -2.18 0.69 -14.81
N LYS A 215 -1.17 0.30 -15.57
CA LYS A 215 -0.34 1.31 -16.33
C LYS A 215 0.25 0.56 -17.61
N ASN A 216 0.77 1.32 -18.55
CA ASN A 216 1.63 0.96 -19.68
C ASN A 216 0.97 0.13 -20.73
HG HG B . -4.56 4.00 8.95
#